data_2GFA
#
_entry.id   2GFA
#
_cell.length_a   63.822
_cell.length_b   96.733
_cell.length_c   110.057
_cell.angle_alpha   90.00
_cell.angle_beta   90.00
_cell.angle_gamma   90.00
#
_symmetry.space_group_name_H-M   'C 2 2 21'
#
loop_
_entity.id
_entity.type
_entity.pdbx_description
1 polymer 'Jumonji domain-containing protein 2A'
2 polymer peptide
3 water water
#
loop_
_entity_poly.entity_id
_entity_poly.type
_entity_poly.pdbx_seq_one_letter_code
_entity_poly.pdbx_strand_id
1 'polypeptide(L)'
;GPALQSITAGQKVISKHKNGRFYQCEVVRLTTETFYEVNFDDGSFSDNLYPEDIVSQDCLQFGPPAEGEVVQVRWTDGQV
YGAKFVASHPIQMYQVEFEDGSQLVVKRDDVYTLDEELP
;
A,B
2 'polypeptide(L)' ART(M3L)QTARKS C,D
#
# COMPACT_ATOMS: atom_id res chain seq x y z
N ALA A 3 -25.06 -20.78 -22.84
CA ALA A 3 -23.84 -19.98 -22.49
C ALA A 3 -23.81 -19.57 -21.01
N LEU A 4 -22.61 -19.27 -20.50
CA LEU A 4 -22.46 -18.84 -19.13
C LEU A 4 -22.68 -17.34 -19.07
N GLN A 5 -23.39 -16.90 -18.05
CA GLN A 5 -23.67 -15.49 -17.91
C GLN A 5 -22.36 -14.71 -17.72
N SER A 6 -22.36 -13.46 -18.18
CA SER A 6 -21.18 -12.63 -18.02
C SER A 6 -21.57 -11.18 -17.88
N ILE A 7 -20.64 -10.39 -17.35
CA ILE A 7 -20.85 -8.97 -17.16
C ILE A 7 -20.02 -8.31 -18.25
N THR A 8 -20.59 -7.31 -18.90
CA THR A 8 -19.87 -6.61 -19.97
C THR A 8 -19.99 -5.09 -19.85
N ALA A 9 -19.11 -4.38 -20.55
CA ALA A 9 -19.13 -2.92 -20.53
C ALA A 9 -20.51 -2.42 -20.94
N GLY A 10 -20.97 -1.37 -20.27
CA GLY A 10 -22.27 -0.80 -20.58
C GLY A 10 -23.40 -1.42 -19.79
N GLN A 11 -23.11 -2.51 -19.10
CA GLN A 11 -24.13 -3.20 -18.33
C GLN A 11 -24.58 -2.42 -17.11
N LYS A 12 -25.89 -2.32 -16.96
CA LYS A 12 -26.51 -1.64 -15.85
C LYS A 12 -26.49 -2.67 -14.71
N VAL A 13 -25.81 -2.37 -13.61
CA VAL A 13 -25.75 -3.30 -12.48
C VAL A 13 -25.81 -2.57 -11.13
N ILE A 14 -25.74 -3.34 -10.06
CA ILE A 14 -25.75 -2.79 -8.71
C ILE A 14 -24.47 -3.19 -8.01
N SER A 15 -23.77 -2.21 -7.45
CA SER A 15 -22.51 -2.49 -6.78
C SER A 15 -22.33 -1.58 -5.57
N LYS A 16 -21.24 -1.79 -4.82
CA LYS A 16 -20.98 -0.99 -3.63
C LYS A 16 -20.13 0.24 -3.91
N HIS A 17 -20.61 1.40 -3.45
CA HIS A 17 -19.91 2.68 -3.61
C HIS A 17 -18.79 2.70 -2.60
N LYS A 18 -17.83 3.62 -2.74
CA LYS A 18 -16.73 3.62 -1.78
C LYS A 18 -17.27 3.90 -0.39
N ASN A 19 -18.42 4.56 -0.32
CA ASN A 19 -19.05 4.86 0.96
C ASN A 19 -19.66 3.63 1.62
N GLY A 20 -19.48 2.46 1.00
CA GLY A 20 -20.00 1.23 1.58
C GLY A 20 -21.44 0.85 1.22
N ARG A 21 -22.24 1.80 0.76
CA ARG A 21 -23.62 1.51 0.41
C ARG A 21 -23.77 1.07 -1.05
N PHE A 22 -24.87 0.38 -1.34
CA PHE A 22 -25.13 -0.10 -2.69
C PHE A 22 -25.91 0.91 -3.52
N TYR A 23 -25.54 1.01 -4.79
CA TYR A 23 -26.19 1.93 -5.70
C TYR A 23 -26.18 1.34 -7.09
N GLN A 24 -27.11 1.79 -7.92
CA GLN A 24 -27.15 1.32 -9.29
C GLN A 24 -25.93 1.99 -9.92
N CYS A 25 -25.29 1.31 -10.84
CA CYS A 25 -24.13 1.90 -11.50
C CYS A 25 -23.95 1.25 -12.85
N GLU A 26 -23.03 1.77 -13.65
CA GLU A 26 -22.79 1.21 -14.96
C GLU A 26 -21.37 0.68 -15.09
N VAL A 27 -21.24 -0.50 -15.68
CA VAL A 27 -19.94 -1.09 -15.90
C VAL A 27 -19.28 -0.31 -17.03
N VAL A 28 -18.15 0.32 -16.75
CA VAL A 28 -17.46 1.10 -17.76
C VAL A 28 -16.55 0.20 -18.62
N ARG A 29 -15.85 -0.74 -17.98
CA ARG A 29 -14.98 -1.65 -18.72
C ARG A 29 -14.49 -2.83 -17.88
N LEU A 30 -14.08 -3.91 -18.53
CA LEU A 30 -13.56 -5.06 -17.80
C LEU A 30 -12.05 -4.83 -17.69
N THR A 31 -11.48 -5.15 -16.55
CA THR A 31 -10.04 -4.99 -16.34
C THR A 31 -9.50 -6.16 -15.54
N THR A 32 -8.27 -6.57 -15.85
CA THR A 32 -7.66 -7.69 -15.14
C THR A 32 -6.70 -7.20 -14.07
N GLU A 33 -6.93 -7.64 -12.85
CA GLU A 33 -6.08 -7.27 -11.72
C GLU A 33 -5.18 -8.46 -11.43
N THR A 34 -3.90 -8.19 -11.14
CA THR A 34 -2.98 -9.28 -10.84
C THR A 34 -2.51 -9.25 -9.40
N PHE A 35 -2.75 -10.34 -8.67
CA PHE A 35 -2.32 -10.44 -7.28
C PHE A 35 -1.11 -11.37 -7.21
N TYR A 36 -0.23 -11.13 -6.24
CA TYR A 36 0.95 -11.97 -6.06
C TYR A 36 0.79 -12.82 -4.81
N GLU A 37 1.32 -14.04 -4.86
CA GLU A 37 1.28 -14.95 -3.72
C GLU A 37 2.72 -15.19 -3.28
N VAL A 38 2.97 -15.12 -1.97
CA VAL A 38 4.31 -15.34 -1.42
C VAL A 38 4.28 -16.07 -0.09
N ASN A 39 5.36 -16.80 0.18
CA ASN A 39 5.51 -17.49 1.45
C ASN A 39 6.51 -16.65 2.22
N PHE A 40 6.10 -16.10 3.35
CA PHE A 40 7.02 -15.27 4.13
C PHE A 40 8.02 -16.15 4.89
N ASP A 41 9.19 -15.61 5.20
CA ASP A 41 10.18 -16.39 5.93
C ASP A 41 9.63 -16.85 7.28
N ASP A 42 8.75 -16.05 7.86
CA ASP A 42 8.17 -16.38 9.16
C ASP A 42 7.20 -17.56 9.10
N GLY A 43 7.01 -18.14 7.92
CA GLY A 43 6.11 -19.29 7.80
C GLY A 43 4.67 -19.02 7.38
N SER A 44 4.27 -17.76 7.34
CA SER A 44 2.92 -17.41 6.94
C SER A 44 2.95 -17.18 5.44
N PHE A 45 1.80 -16.85 4.87
CA PHE A 45 1.76 -16.61 3.43
C PHE A 45 0.59 -15.70 3.09
N SER A 46 0.73 -15.00 1.98
CA SER A 46 -0.32 -14.14 1.48
C SER A 46 -0.45 -14.41 -0.01
N ASP A 47 -1.69 -14.45 -0.50
CA ASP A 47 -1.92 -14.69 -1.91
C ASP A 47 -2.66 -13.51 -2.52
N ASN A 48 -2.74 -12.41 -1.78
CA ASN A 48 -3.43 -11.21 -2.27
C ASN A 48 -2.66 -9.89 -2.16
N LEU A 49 -1.37 -9.94 -2.47
CA LEU A 49 -0.53 -8.74 -2.46
C LEU A 49 -0.63 -8.16 -3.87
N TYR A 50 -0.26 -6.89 -4.04
CA TYR A 50 -0.28 -6.28 -5.36
C TYR A 50 1.18 -6.17 -5.77
N PRO A 51 1.47 -6.15 -7.08
CA PRO A 51 2.87 -6.05 -7.52
C PRO A 51 3.59 -4.87 -6.88
N GLU A 52 2.81 -3.82 -6.57
CA GLU A 52 3.35 -2.62 -5.95
C GLU A 52 3.83 -2.87 -4.52
N ASP A 53 3.62 -4.08 -4.02
CA ASP A 53 4.05 -4.41 -2.67
C ASP A 53 5.44 -5.07 -2.61
N ILE A 54 6.06 -5.28 -3.77
CA ILE A 54 7.39 -5.87 -3.83
C ILE A 54 8.39 -4.73 -3.99
N VAL A 55 9.36 -4.63 -3.09
CA VAL A 55 10.33 -3.53 -3.18
C VAL A 55 11.57 -3.85 -4.00
N GLY A 63 8.36 -8.23 -15.42
CA GLY A 63 7.38 -9.28 -15.15
C GLY A 63 7.49 -9.76 -13.72
N PRO A 64 6.76 -10.83 -13.35
CA PRO A 64 6.83 -11.35 -11.99
C PRO A 64 8.03 -12.25 -11.77
N PRO A 65 8.47 -12.38 -10.51
CA PRO A 65 9.61 -13.23 -10.19
C PRO A 65 9.22 -14.70 -10.38
N ALA A 66 10.19 -15.60 -10.34
CA ALA A 66 9.91 -17.02 -10.51
C ALA A 66 9.55 -17.68 -9.20
N GLU A 67 8.81 -18.79 -9.27
CA GLU A 67 8.44 -19.49 -8.05
C GLU A 67 9.74 -19.80 -7.29
N GLY A 68 9.75 -19.53 -5.99
CA GLY A 68 10.93 -19.79 -5.19
C GLY A 68 11.90 -18.62 -5.07
N GLU A 69 11.78 -17.62 -5.95
CA GLU A 69 12.66 -16.45 -5.94
C GLU A 69 12.50 -15.62 -4.67
N VAL A 70 13.62 -15.21 -4.08
CA VAL A 70 13.58 -14.42 -2.86
C VAL A 70 13.19 -12.97 -3.18
N VAL A 71 12.20 -12.48 -2.46
CA VAL A 71 11.74 -11.11 -2.64
C VAL A 71 11.49 -10.43 -1.31
N GLN A 72 11.45 -9.11 -1.37
CA GLN A 72 11.21 -8.28 -0.19
C GLN A 72 9.83 -7.63 -0.33
N VAL A 73 8.97 -7.90 0.64
CA VAL A 73 7.62 -7.37 0.61
C VAL A 73 7.34 -6.23 1.59
N ARG A 74 6.76 -5.15 1.07
CA ARG A 74 6.38 -4.01 1.91
C ARG A 74 4.98 -4.34 2.41
N TRP A 75 4.88 -4.66 3.70
CA TRP A 75 3.60 -5.02 4.32
C TRP A 75 2.77 -3.79 4.69
N THR A 76 1.56 -4.04 5.17
CA THR A 76 0.64 -2.96 5.55
C THR A 76 1.13 -2.14 6.74
N ASP A 77 2.13 -2.63 7.45
CA ASP A 77 2.66 -1.91 8.61
C ASP A 77 3.81 -0.97 8.24
N GLY A 78 4.11 -0.88 6.94
CA GLY A 78 5.18 -0.02 6.50
C GLY A 78 6.53 -0.70 6.64
N GLN A 79 6.55 -1.91 7.19
CA GLN A 79 7.78 -2.66 7.36
C GLN A 79 8.02 -3.61 6.19
N VAL A 80 9.30 -3.95 5.99
CA VAL A 80 9.65 -4.84 4.89
C VAL A 80 9.95 -6.25 5.43
N TYR A 81 9.38 -7.25 4.77
CA TYR A 81 9.60 -8.64 5.16
C TYR A 81 10.15 -9.45 4.01
N GLY A 82 10.98 -10.44 4.33
CA GLY A 82 11.57 -11.28 3.28
C GLY A 82 10.63 -12.42 2.95
N ALA A 83 10.58 -12.79 1.68
CA ALA A 83 9.71 -13.88 1.26
C ALA A 83 10.19 -14.54 -0.02
N LYS A 84 9.54 -15.64 -0.39
CA LYS A 84 9.86 -16.33 -1.63
C LYS A 84 8.57 -16.32 -2.43
N PHE A 85 8.68 -15.96 -3.71
CA PHE A 85 7.53 -15.88 -4.60
C PHE A 85 6.95 -17.26 -4.93
N VAL A 86 5.62 -17.34 -4.95
CA VAL A 86 4.92 -18.57 -5.25
C VAL A 86 4.29 -18.49 -6.64
N ALA A 87 3.37 -17.55 -6.84
CA ALA A 87 2.70 -17.40 -8.13
C ALA A 87 1.86 -16.13 -8.22
N SER A 88 1.56 -15.71 -9.44
CA SER A 88 0.74 -14.54 -9.63
C SER A 88 -0.68 -15.01 -9.99
N HIS A 89 -1.70 -14.27 -9.56
CA HIS A 89 -3.07 -14.65 -9.85
C HIS A 89 -3.85 -13.54 -10.52
N PRO A 90 -4.12 -13.70 -11.83
CA PRO A 90 -4.88 -12.65 -12.51
C PRO A 90 -6.34 -12.90 -12.20
N ILE A 91 -7.09 -11.84 -11.92
CA ILE A 91 -8.49 -11.98 -11.61
C ILE A 91 -9.28 -10.95 -12.39
N GLN A 92 -10.33 -11.42 -13.07
CA GLN A 92 -11.19 -10.54 -13.84
C GLN A 92 -11.92 -9.62 -12.88
N MET A 93 -11.88 -8.32 -13.17
CA MET A 93 -12.56 -7.37 -12.32
C MET A 93 -13.32 -6.38 -13.17
N TYR A 94 -14.14 -5.56 -12.52
CA TYR A 94 -14.98 -4.62 -13.24
C TYR A 94 -14.90 -3.17 -12.77
N GLN A 95 -14.66 -2.25 -13.70
CA GLN A 95 -14.64 -0.85 -13.33
C GLN A 95 -16.06 -0.33 -13.51
N VAL A 96 -16.67 0.12 -12.42
CA VAL A 96 -18.03 0.64 -12.50
C VAL A 96 -18.05 2.10 -12.13
N GLU A 97 -19.04 2.82 -12.65
CA GLU A 97 -19.18 4.24 -12.37
C GLU A 97 -20.56 4.54 -11.80
N PHE A 98 -20.59 5.33 -10.73
CA PHE A 98 -21.85 5.68 -10.08
C PHE A 98 -22.44 6.99 -10.60
N GLU A 99 -23.56 7.43 -10.00
CA GLU A 99 -24.27 8.65 -10.39
C GLU A 99 -23.46 9.92 -10.25
N ASP A 100 -22.67 10.00 -9.19
CA ASP A 100 -21.85 11.18 -8.91
C ASP A 100 -20.61 11.22 -9.79
N GLY A 101 -20.46 10.22 -10.64
CA GLY A 101 -19.30 10.18 -11.51
C GLY A 101 -18.14 9.39 -10.90
N SER A 102 -18.20 9.12 -9.60
CA SER A 102 -17.12 8.36 -8.96
C SER A 102 -17.04 6.99 -9.64
N GLN A 103 -15.83 6.44 -9.68
CA GLN A 103 -15.63 5.13 -10.30
C GLN A 103 -14.90 4.21 -9.34
N LEU A 104 -15.04 2.90 -9.57
CA LEU A 104 -14.41 1.93 -8.68
C LEU A 104 -14.16 0.62 -9.44
N VAL A 105 -13.13 -0.10 -9.03
CA VAL A 105 -12.83 -1.37 -9.66
C VAL A 105 -13.22 -2.42 -8.63
N VAL A 106 -14.21 -3.25 -9.00
CA VAL A 106 -14.69 -4.26 -8.07
C VAL A 106 -14.66 -5.68 -8.62
N LYS A 107 -14.80 -6.64 -7.72
CA LYS A 107 -14.81 -8.03 -8.10
C LYS A 107 -16.24 -8.50 -8.37
N ARG A 108 -16.33 -9.68 -8.94
CA ARG A 108 -17.58 -10.32 -9.28
C ARG A 108 -18.57 -10.30 -8.12
N ASP A 109 -18.11 -10.65 -6.92
CA ASP A 109 -18.99 -10.73 -5.76
C ASP A 109 -19.61 -9.42 -5.26
N ASP A 110 -19.10 -8.29 -5.73
CA ASP A 110 -19.63 -6.99 -5.34
C ASP A 110 -20.57 -6.45 -6.39
N VAL A 111 -20.90 -7.29 -7.36
CA VAL A 111 -21.78 -6.89 -8.45
C VAL A 111 -23.03 -7.74 -8.47
N TYR A 112 -24.19 -7.08 -8.57
CA TYR A 112 -25.48 -7.75 -8.65
C TYR A 112 -26.10 -7.35 -9.98
N THR A 113 -26.37 -8.33 -10.82
CA THR A 113 -26.94 -8.09 -12.14
C THR A 113 -28.47 -8.02 -12.15
N LEU A 114 -29.01 -7.43 -13.21
CA LEU A 114 -30.45 -7.26 -13.40
C LEU A 114 -30.92 -8.23 -14.48
N ASP A 115 -32.22 -8.50 -14.55
CA ASP A 115 -32.74 -9.45 -15.53
C ASP A 115 -32.71 -8.91 -16.96
N GLU A 116 -32.71 -7.60 -17.12
CA GLU A 116 -32.67 -6.99 -18.44
C GLU A 116 -31.65 -5.85 -18.49
N LEU B 4 12.68 20.10 18.36
CA LEU B 4 12.88 18.72 17.81
C LEU B 4 14.38 18.41 17.82
N GLN B 5 14.80 17.61 18.79
CA GLN B 5 16.21 17.27 18.89
C GLN B 5 16.72 16.26 17.87
N SER B 6 18.05 16.24 17.75
CA SER B 6 18.75 15.35 16.83
C SER B 6 18.70 13.94 17.41
N ILE B 7 18.40 12.95 16.56
CA ILE B 7 18.36 11.56 17.02
C ILE B 7 19.54 10.86 16.38
N THR B 8 20.40 10.28 17.20
CA THR B 8 21.59 9.62 16.70
C THR B 8 21.67 8.13 16.97
N ALA B 9 22.54 7.44 16.23
CA ALA B 9 22.75 6.01 16.41
C ALA B 9 23.18 5.76 17.85
N GLY B 10 22.59 4.74 18.48
CA GLY B 10 22.92 4.41 19.85
C GLY B 10 22.04 5.09 20.88
N GLN B 11 21.30 6.11 20.47
CA GLN B 11 20.44 6.83 21.40
C GLN B 11 19.25 6.02 21.88
N LYS B 12 18.90 6.21 23.15
CA LYS B 12 17.76 5.51 23.76
C LYS B 12 16.51 6.36 23.57
N VAL B 13 15.50 5.79 22.91
CA VAL B 13 14.27 6.51 22.65
C VAL B 13 13.03 5.69 22.99
N ILE B 14 11.86 6.29 22.81
CA ILE B 14 10.59 5.61 23.05
C ILE B 14 9.89 5.49 21.71
N SER B 15 9.33 4.31 21.44
CA SER B 15 8.64 4.08 20.18
C SER B 15 7.63 2.94 20.31
N LYS B 16 6.73 2.84 19.34
CA LYS B 16 5.69 1.83 19.35
C LYS B 16 6.15 0.50 18.76
N HIS B 17 6.10 -0.54 19.59
CA HIS B 17 6.47 -1.91 19.23
C HIS B 17 5.39 -2.41 18.28
N LYS B 18 5.66 -3.49 17.56
CA LYS B 18 4.67 -4.02 16.63
C LYS B 18 3.39 -4.48 17.34
N ASN B 19 3.45 -4.74 18.64
CA ASN B 19 2.26 -5.16 19.37
C ASN B 19 1.36 -3.97 19.70
N GLY B 20 1.71 -2.80 19.20
CA GLY B 20 0.89 -1.62 19.45
C GLY B 20 1.16 -0.87 20.73
N ARG B 21 2.08 -1.35 21.55
CA ARG B 21 2.41 -0.68 22.81
C ARG B 21 3.75 0.05 22.76
N PHE B 22 3.86 1.13 23.54
CA PHE B 22 5.10 1.90 23.60
C PHE B 22 6.10 1.23 24.55
N TYR B 23 7.38 1.31 24.21
CA TYR B 23 8.46 0.76 25.04
C TYR B 23 9.71 1.61 24.80
N GLN B 24 10.72 1.39 25.61
CA GLN B 24 12.00 2.07 25.42
C GLN B 24 12.66 1.21 24.36
N CYS B 25 13.47 1.81 23.50
CA CYS B 25 14.17 1.09 22.46
C CYS B 25 15.44 1.85 22.12
N GLU B 26 16.28 1.24 21.29
CA GLU B 26 17.54 1.88 20.91
C GLU B 26 17.63 2.07 19.40
N VAL B 27 18.09 3.24 18.97
CA VAL B 27 18.26 3.54 17.55
C VAL B 27 19.54 2.82 17.15
N VAL B 28 19.42 1.80 16.32
CA VAL B 28 20.56 1.02 15.90
C VAL B 28 21.07 1.30 14.50
N ARG B 29 20.27 1.95 13.67
CA ARG B 29 20.71 2.26 12.32
C ARG B 29 19.98 3.44 11.70
N LEU B 30 20.73 4.23 10.93
CA LEU B 30 20.19 5.41 10.27
C LEU B 30 20.26 5.24 8.74
N THR B 31 19.12 5.41 8.08
CA THR B 31 19.07 5.30 6.64
C THR B 31 18.35 6.49 6.02
N THR B 32 18.39 6.56 4.70
CA THR B 32 17.72 7.61 3.97
C THR B 32 16.84 6.91 2.95
N GLU B 33 15.53 7.20 2.97
CA GLU B 33 14.60 6.60 2.03
C GLU B 33 13.88 7.68 1.24
N THR B 34 13.62 7.40 -0.03
CA THR B 34 12.91 8.36 -0.88
C THR B 34 11.41 8.08 -0.87
N PHE B 35 10.63 9.15 -0.86
CA PHE B 35 9.17 9.05 -0.91
C PHE B 35 8.74 9.97 -2.02
N TYR B 36 7.57 9.69 -2.61
CA TYR B 36 7.08 10.48 -3.72
C TYR B 36 5.86 11.31 -3.38
N GLU B 37 5.81 12.51 -3.95
CA GLU B 37 4.69 13.42 -3.77
C GLU B 37 3.96 13.51 -5.12
N VAL B 38 2.63 13.44 -5.07
CA VAL B 38 1.84 13.51 -6.30
C VAL B 38 0.55 14.28 -6.08
N ASN B 39 0.00 14.81 -7.16
CA ASN B 39 -1.27 15.51 -7.09
C ASN B 39 -2.28 14.57 -7.72
N PHE B 40 -3.21 14.07 -6.90
CA PHE B 40 -4.22 13.16 -7.42
C PHE B 40 -5.25 13.95 -8.21
N ASP B 41 -5.87 13.29 -9.19
CA ASP B 41 -6.86 13.96 -10.02
C ASP B 41 -8.05 14.42 -9.20
N ASP B 42 -8.36 13.73 -8.13
CA ASP B 42 -9.50 14.11 -7.30
C ASP B 42 -9.26 15.39 -6.49
N GLY B 43 -8.17 16.09 -6.79
CA GLY B 43 -7.87 17.32 -6.08
C GLY B 43 -7.06 17.21 -4.80
N SER B 44 -6.73 16.01 -4.39
CA SER B 44 -5.95 15.83 -3.19
C SER B 44 -4.50 15.57 -3.57
N PHE B 45 -3.63 15.45 -2.58
CA PHE B 45 -2.23 15.17 -2.84
C PHE B 45 -1.63 14.37 -1.70
N SER B 46 -0.53 13.70 -2.00
CA SER B 46 0.17 12.92 -1.00
C SER B 46 1.65 13.19 -1.22
N ASP B 47 2.38 13.36 -0.13
CA ASP B 47 3.81 13.61 -0.25
C ASP B 47 4.63 12.50 0.37
N ASN B 48 3.99 11.41 0.75
CA ASN B 48 4.67 10.28 1.38
C ASN B 48 4.37 8.91 0.76
N LEU B 49 4.36 8.85 -0.57
CA LEU B 49 4.12 7.58 -1.24
C LEU B 49 5.44 6.83 -1.32
N TYR B 50 5.39 5.50 -1.21
CA TYR B 50 6.60 4.71 -1.36
C TYR B 50 6.77 4.73 -2.87
N PRO B 51 8.01 4.80 -3.37
CA PRO B 51 8.21 4.83 -4.82
C PRO B 51 7.48 3.71 -5.56
N GLU B 52 7.51 2.50 -5.01
CA GLU B 52 6.86 1.35 -5.63
C GLU B 52 5.35 1.50 -5.75
N ASP B 53 4.76 2.44 -5.02
CA ASP B 53 3.31 2.64 -5.08
C ASP B 53 2.88 3.10 -6.47
N ILE B 54 3.82 3.62 -7.25
CA ILE B 54 3.51 4.07 -8.59
C ILE B 54 3.55 2.83 -9.49
N VAL B 55 2.39 2.48 -10.05
CA VAL B 55 2.29 1.31 -10.92
C VAL B 55 3.30 1.47 -12.03
N SER B 56 4.38 0.70 -11.93
CA SER B 56 5.45 0.76 -12.90
C SER B 56 5.88 -0.65 -13.31
N GLY B 63 15.08 6.17 -12.94
CA GLY B 63 14.88 7.33 -12.08
C GLY B 63 13.43 7.65 -11.81
N PRO B 64 13.13 8.83 -11.23
CA PRO B 64 11.75 9.22 -10.94
C PRO B 64 11.09 9.90 -12.15
N PRO B 65 9.75 9.98 -12.15
CA PRO B 65 9.11 10.65 -13.29
C PRO B 65 9.33 12.17 -13.20
N ALA B 66 9.01 12.89 -14.28
CA ALA B 66 9.17 14.35 -14.33
C ALA B 66 7.98 15.03 -13.69
N GLU B 67 8.14 16.27 -13.27
CA GLU B 67 7.02 16.97 -12.64
C GLU B 67 5.91 17.12 -13.65
N GLY B 68 4.67 16.93 -13.18
CA GLY B 68 3.52 17.05 -14.05
C GLY B 68 3.19 15.76 -14.79
N GLU B 69 4.14 14.83 -14.86
CA GLU B 69 3.93 13.56 -15.55
C GLU B 69 2.78 12.75 -14.94
N VAL B 70 1.96 12.17 -15.80
CA VAL B 70 0.81 11.38 -15.37
C VAL B 70 1.23 10.00 -14.86
N VAL B 71 0.71 9.61 -13.71
CA VAL B 71 1.04 8.32 -13.11
C VAL B 71 -0.13 7.64 -12.41
N GLN B 72 -0.05 6.31 -12.32
CA GLN B 72 -1.07 5.51 -11.67
C GLN B 72 -0.51 5.09 -10.31
N VAL B 73 -1.26 5.39 -9.27
CA VAL B 73 -0.86 5.10 -7.91
C VAL B 73 -1.72 4.07 -7.21
N ARG B 74 -1.09 3.02 -6.72
CA ARG B 74 -1.81 1.99 -5.99
C ARG B 74 -1.94 2.51 -4.57
N TRP B 75 -3.15 2.86 -4.17
CA TRP B 75 -3.39 3.39 -2.83
C TRP B 75 -3.60 2.30 -1.77
N THR B 76 -3.69 2.73 -0.52
CA THR B 76 -3.87 1.79 0.59
C THR B 76 -5.15 0.96 0.46
N ASP B 77 -6.16 1.51 -0.22
CA ASP B 77 -7.42 0.82 -0.38
C ASP B 77 -7.38 -0.27 -1.44
N GLY B 78 -6.24 -0.42 -2.10
CA GLY B 78 -6.14 -1.44 -3.13
C GLY B 78 -6.53 -0.90 -4.50
N GLN B 79 -7.16 0.26 -4.53
CA GLN B 79 -7.55 0.89 -5.79
C GLN B 79 -6.39 1.65 -6.41
N VAL B 80 -6.49 1.91 -7.71
CA VAL B 80 -5.46 2.63 -8.42
C VAL B 80 -6.00 4.01 -8.78
N TYR B 81 -5.22 5.05 -8.47
CA TYR B 81 -5.64 6.42 -8.76
C TYR B 81 -4.73 7.16 -9.72
N GLY B 82 -5.35 7.96 -10.60
CA GLY B 82 -4.58 8.74 -11.55
C GLY B 82 -4.05 9.93 -10.80
N ALA B 83 -2.86 10.39 -11.15
CA ALA B 83 -2.26 11.53 -10.47
C ALA B 83 -1.16 12.11 -11.33
N LYS B 84 -0.56 13.20 -10.85
CA LYS B 84 0.55 13.82 -11.56
C LYS B 84 1.74 13.87 -10.60
N PHE B 85 2.89 13.40 -11.05
CA PHE B 85 4.09 13.41 -10.21
C PHE B 85 4.51 14.85 -9.93
N VAL B 86 4.85 15.11 -8.66
CA VAL B 86 5.28 16.44 -8.23
C VAL B 86 6.77 16.48 -7.91
N ALA B 87 7.20 15.65 -6.95
CA ALA B 87 8.59 15.65 -6.57
C ALA B 87 9.00 14.46 -5.71
N SER B 88 10.30 14.26 -5.65
CA SER B 88 10.87 13.18 -4.86
C SER B 88 11.34 13.81 -3.53
N HIS B 89 11.26 13.06 -2.43
CA HIS B 89 11.65 13.58 -1.11
C HIS B 89 12.50 12.60 -0.30
N PRO B 90 13.78 12.91 -0.09
CA PRO B 90 14.65 12.02 0.69
C PRO B 90 14.36 12.24 2.18
N ILE B 91 14.00 11.18 2.87
CA ILE B 91 13.65 11.24 4.29
C ILE B 91 14.52 10.38 5.20
N GLN B 92 14.92 10.95 6.33
CA GLN B 92 15.74 10.26 7.33
C GLN B 92 14.93 9.14 8.00
N MET B 93 15.41 7.91 7.93
CA MET B 93 14.71 6.80 8.56
C MET B 93 15.47 6.31 9.78
N TYR B 94 14.76 5.74 10.73
CA TYR B 94 15.39 5.25 11.95
C TYR B 94 15.02 3.81 12.28
N GLN B 95 16.03 2.98 12.47
CA GLN B 95 15.79 1.60 12.83
C GLN B 95 15.97 1.45 14.34
N VAL B 96 14.88 1.15 15.03
CA VAL B 96 14.90 0.97 16.47
C VAL B 96 14.82 -0.50 16.84
N GLU B 97 15.52 -0.86 17.92
CA GLU B 97 15.54 -2.23 18.41
C GLU B 97 14.98 -2.29 19.83
N PHE B 98 14.05 -3.20 20.06
CA PHE B 98 13.43 -3.34 21.38
C PHE B 98 14.08 -4.39 22.26
N GLU B 99 13.53 -4.56 23.46
CA GLU B 99 14.01 -5.53 24.45
C GLU B 99 14.05 -6.96 23.91
N ASP B 100 12.98 -7.34 23.20
CA ASP B 100 12.86 -8.69 22.64
C ASP B 100 13.60 -8.89 21.31
N GLY B 101 14.50 -7.98 20.98
CA GLY B 101 15.26 -8.11 19.74
C GLY B 101 14.54 -7.72 18.45
N SER B 102 13.25 -7.42 18.55
CA SER B 102 12.50 -7.03 17.36
C SER B 102 12.99 -5.67 16.86
N GLN B 103 12.71 -5.37 15.60
CA GLN B 103 13.15 -4.11 15.03
C GLN B 103 12.10 -3.50 14.13
N LEU B 104 12.15 -2.18 14.02
CA LEU B 104 11.23 -1.45 13.18
C LEU B 104 11.95 -0.27 12.54
N VAL B 105 11.63 -0.01 11.28
CA VAL B 105 12.23 1.13 10.60
C VAL B 105 11.12 2.17 10.55
N VAL B 106 11.34 3.30 11.22
CA VAL B 106 10.36 4.37 11.26
C VAL B 106 10.89 5.76 10.96
N LYS B 107 9.96 6.69 10.81
CA LYS B 107 10.30 8.08 10.53
C LYS B 107 10.47 8.84 11.83
N ARG B 108 11.11 10.01 11.75
CA ARG B 108 11.36 10.83 12.93
C ARG B 108 10.14 11.03 13.83
N ASP B 109 8.97 11.29 13.23
CA ASP B 109 7.77 11.51 14.01
C ASP B 109 7.34 10.32 14.88
N ASP B 110 7.85 9.13 14.57
CA ASP B 110 7.50 7.93 15.34
C ASP B 110 8.52 7.58 16.42
N VAL B 111 9.51 8.45 16.60
CA VAL B 111 10.54 8.28 17.62
C VAL B 111 10.30 9.39 18.65
N TYR B 112 10.26 9.03 19.94
CA TYR B 112 10.04 10.03 20.97
C TYR B 112 11.11 10.06 22.05
N THR B 113 11.37 11.25 22.57
CA THR B 113 12.32 11.42 23.65
C THR B 113 11.55 12.06 24.80
N LEU B 114 11.98 11.80 26.03
CA LEU B 114 11.32 12.40 27.19
C LEU B 114 12.11 13.63 27.59
N ASP B 115 11.67 14.33 28.63
CA ASP B 115 12.37 15.54 29.04
C ASP B 115 13.73 15.28 29.66
N GLU B 116 13.99 14.03 30.04
CA GLU B 116 15.26 13.64 30.61
C GLU B 116 15.77 12.45 29.80
N GLU B 117 17.08 12.24 29.81
CA GLU B 117 17.67 11.11 29.10
C GLU B 117 17.06 9.82 29.63
N LEU B 118 16.79 8.87 28.74
CA LEU B 118 16.23 7.60 29.16
C LEU B 118 17.27 6.73 29.86
N PRO B 119 16.84 5.99 30.90
CA PRO B 119 17.73 5.11 31.68
C PRO B 119 18.01 3.80 30.94
N ALA C 1 -6.03 -7.08 -1.25
CA ALA C 1 -6.63 -7.45 0.08
C ALA C 1 -5.55 -7.49 1.16
N ARG C 2 -4.31 -7.71 0.74
CA ARG C 2 -3.17 -7.74 1.66
C ARG C 2 -3.47 -8.38 3.02
N THR C 3 -3.67 -9.70 3.02
CA THR C 3 -3.91 -10.44 4.25
C THR C 3 -2.91 -11.59 4.30
N GLN C 5 -1.44 -15.24 6.61
CA GLN C 5 -1.86 -16.34 7.48
C GLN C 5 -0.98 -17.57 7.37
N THR C 6 -1.06 -18.42 8.37
CA THR C 6 -0.28 -19.65 8.43
C THR C 6 -1.23 -20.81 8.27
N ALA C 7 -1.34 -21.33 7.05
CA ALA C 7 -2.23 -22.47 6.82
C ALA C 7 -1.38 -23.62 6.31
N ALA D 1 0.97 4.88 6.89
CA ALA D 1 2.16 5.64 6.42
C ALA D 1 1.74 6.67 5.37
N ARG D 2 1.39 6.20 4.18
CA ARG D 2 0.99 7.10 3.12
C ARG D 2 -0.35 7.77 3.46
N THR D 3 -0.36 9.11 3.39
CA THR D 3 -1.57 9.87 3.68
C THR D 3 -1.90 10.84 2.54
N GLN D 5 -4.60 14.36 1.48
CA GLN D 5 -5.31 15.51 2.02
C GLN D 5 -5.46 16.52 0.90
N THR D 6 -6.45 17.42 1.03
CA THR D 6 -6.68 18.43 0.00
C THR D 6 -6.03 19.74 0.41
N ALA D 7 -6.29 20.15 1.65
CA ALA D 7 -5.73 21.38 2.20
C ALA D 7 -4.20 21.38 2.09
#